data_1BVW
#
_entry.id   1BVW
#
_cell.length_a   47.510
_cell.length_b   68.100
_cell.length_c   53.710
_cell.angle_alpha   90.00
_cell.angle_beta   110.93
_cell.angle_gamma   90.00
#
_symmetry.space_group_name_H-M   'P 1 21 1'
#
loop_
_entity.id
_entity.type
_entity.pdbx_description
1 polymer 'PROTEIN (CELLOBIOHYDROLASE II)'
2 non-polymer alpha-D-mannopyranose
3 non-polymer 2-acetamido-2-deoxy-beta-D-glucopyranose
4 non-polymer 'MAGNESIUM ION'
5 non-polymer GLYCEROL
6 water water
#
_entity_poly.entity_id   1
_entity_poly.type   'polypeptide(L)'
_entity_poly.pdbx_seq_one_letter_code
;GNPFEGVQLWANNYYRSEVHTLAIPQITDPALRAAASAVAEVPSFQWLDRNVTVDTLLVQTLSEIREANQAGANPQYAAQ
IVVYDLPDRDCAAAASNGEWAIANNGVNNYKAYINRIREILISFSDVRTILVIEPDSLANMVTNMNVPKCSGAASTYREL
TIYALKQLDLPHVAMYMDAGHAGWLGWPANIQPAAELFAKIYEDAGKPRAVRGLATNVANYNAWSVSSPPPYTSPNPNYD
EKHYIEAFRPLLEARGFPAQFIVDQGRSGKQPTGQKEWGHWCNAIGTGFGMRPTANTGHQYVDAFVWVKPGGECDGTSDT
TAARYDYHCGLEDALKPAPEAGQWFNEYFIQLLRNANPPF
;
_entity_poly.pdbx_strand_id   A
#
loop_
_chem_comp.id
_chem_comp.type
_chem_comp.name
_chem_comp.formula
GOL non-polymer GLYCEROL 'C3 H8 O3'
MAN D-saccharide, alpha linking alpha-D-mannopyranose 'C6 H12 O6'
MG non-polymer 'MAGNESIUM ION' 'Mg 2'
NAG D-saccharide, beta linking 2-acetamido-2-deoxy-beta-D-glucopyranose 'C8 H15 N O6'
#
# COMPACT_ATOMS: atom_id res chain seq x y z
N GLY A 1 12.67 1.65 18.11
CA GLY A 1 11.49 0.79 18.02
C GLY A 1 11.06 0.68 16.56
N ASN A 2 11.89 1.10 15.62
CA ASN A 2 11.50 0.98 14.20
C ASN A 2 11.45 -0.49 13.81
N PRO A 3 10.28 -1.02 13.44
CA PRO A 3 10.14 -2.41 13.05
C PRO A 3 10.92 -2.84 11.81
N PHE A 4 11.33 -1.88 10.98
CA PHE A 4 12.14 -2.21 9.82
C PHE A 4 13.62 -2.34 10.16
N GLU A 5 14.04 -1.88 11.33
CA GLU A 5 15.45 -1.92 11.72
C GLU A 5 15.83 -3.28 12.28
N GLY A 6 16.97 -3.79 11.83
CA GLY A 6 17.51 -5.04 12.36
C GLY A 6 16.97 -6.28 11.68
N VAL A 7 16.25 -6.11 10.57
CA VAL A 7 15.72 -7.24 9.84
C VAL A 7 15.89 -6.97 8.33
N GLN A 8 15.87 -8.05 7.57
CA GLN A 8 15.84 -8.01 6.12
C GLN A 8 14.35 -8.14 5.75
N LEU A 9 13.96 -7.52 4.64
CA LEU A 9 12.58 -7.64 4.19
C LEU A 9 12.49 -8.80 3.22
N TRP A 10 11.58 -9.73 3.43
CA TRP A 10 11.39 -10.88 2.57
C TRP A 10 10.89 -10.50 1.18
N ALA A 11 11.64 -10.93 0.18
CA ALA A 11 11.26 -10.74 -1.23
C ALA A 11 10.57 -12.06 -1.60
N ASN A 12 9.25 -12.03 -1.78
CA ASN A 12 8.49 -13.25 -2.00
C ASN A 12 8.66 -13.93 -3.35
N ASN A 13 8.32 -15.22 -3.34
CA ASN A 13 8.43 -16.08 -4.49
C ASN A 13 7.38 -15.87 -5.57
N TYR A 14 6.23 -15.30 -5.23
CA TYR A 14 5.22 -15.05 -6.24
C TYR A 14 5.69 -13.95 -7.18
N TYR A 15 6.13 -12.82 -6.63
CA TYR A 15 6.63 -11.71 -7.45
C TYR A 15 7.90 -12.16 -8.18
N ARG A 16 8.80 -12.87 -7.50
CA ARG A 16 10.01 -13.38 -8.15
C ARG A 16 9.67 -14.18 -9.40
N SER A 17 8.75 -15.14 -9.28
CA SER A 17 8.27 -15.97 -10.38
C SER A 17 7.60 -15.21 -11.51
N GLU A 18 6.81 -14.18 -11.17
CA GLU A 18 6.22 -13.34 -12.21
C GLU A 18 7.34 -12.72 -13.04
N VAL A 19 8.38 -12.14 -12.42
CA VAL A 19 9.45 -11.53 -13.21
C VAL A 19 10.20 -12.60 -14.02
N HIS A 20 10.67 -13.66 -13.37
CA HIS A 20 11.43 -14.68 -14.10
C HIS A 20 10.66 -15.40 -15.19
N THR A 21 9.42 -15.78 -14.97
CA THR A 21 8.64 -16.55 -15.93
C THR A 21 7.81 -15.72 -16.89
N LEU A 22 7.27 -14.58 -16.45
CA LEU A 22 6.47 -13.78 -17.36
C LEU A 22 7.22 -12.66 -18.05
N ALA A 23 8.05 -11.91 -17.34
CA ALA A 23 8.74 -10.76 -17.91
C ALA A 23 10.03 -11.00 -18.66
N ILE A 24 11.01 -11.61 -17.97
CA ILE A 24 12.33 -11.78 -18.53
C ILE A 24 12.36 -12.44 -19.90
N PRO A 25 11.67 -13.55 -20.11
CA PRO A 25 11.62 -14.21 -21.41
C PRO A 25 11.32 -13.29 -22.58
N GLN A 26 10.48 -12.28 -22.40
CA GLN A 26 10.11 -11.33 -23.42
C GLN A 26 11.02 -10.11 -23.53
N ILE A 27 12.05 -9.97 -22.72
CA ILE A 27 12.93 -8.81 -22.78
C ILE A 27 14.14 -9.07 -23.66
N THR A 28 14.31 -8.23 -24.71
CA THR A 28 15.44 -8.43 -25.60
C THR A 28 16.68 -7.73 -25.09
N ASP A 29 16.57 -6.50 -24.62
CA ASP A 29 17.73 -5.77 -24.14
C ASP A 29 18.42 -6.54 -23.02
N PRO A 30 19.70 -6.84 -23.18
CA PRO A 30 20.47 -7.51 -22.15
C PRO A 30 20.51 -6.69 -20.87
N ALA A 31 20.61 -5.37 -20.99
CA ALA A 31 20.63 -4.45 -19.86
C ALA A 31 19.30 -4.47 -19.12
N LEU A 32 18.18 -4.47 -19.86
CA LEU A 32 16.88 -4.60 -19.23
C LEU A 32 16.73 -5.96 -18.54
N ARG A 33 17.29 -7.04 -19.10
CA ARG A 33 17.17 -8.34 -18.48
C ARG A 33 17.88 -8.40 -17.14
N ALA A 34 19.12 -7.92 -17.11
CA ALA A 34 19.89 -7.89 -15.88
C ALA A 34 19.19 -7.05 -14.81
N ALA A 35 18.56 -5.96 -15.22
CA ALA A 35 17.84 -5.08 -14.29
C ALA A 35 16.57 -5.78 -13.82
N ALA A 36 15.92 -6.54 -14.69
CA ALA A 36 14.71 -7.28 -14.30
C ALA A 36 15.06 -8.33 -13.24
N SER A 37 16.20 -9.01 -13.39
CA SER A 37 16.64 -9.99 -12.40
C SER A 37 16.81 -9.30 -11.05
N ALA A 38 17.35 -8.08 -11.02
CA ALA A 38 17.56 -7.38 -9.76
C ALA A 38 16.25 -6.96 -9.11
N VAL A 39 15.30 -6.46 -9.88
CA VAL A 39 13.98 -6.04 -9.43
C VAL A 39 13.22 -7.23 -8.82
N ALA A 40 13.47 -8.44 -9.32
CA ALA A 40 12.84 -9.65 -8.83
C ALA A 40 13.12 -9.91 -7.36
N GLU A 41 14.24 -9.41 -6.85
CA GLU A 41 14.66 -9.55 -5.48
C GLU A 41 14.27 -8.39 -4.60
N VAL A 42 13.61 -7.35 -5.09
CA VAL A 42 13.22 -6.22 -4.23
C VAL A 42 11.96 -6.61 -3.46
N PRO A 43 12.00 -6.53 -2.14
CA PRO A 43 10.93 -7.02 -1.29
C PRO A 43 9.72 -6.12 -1.27
N SER A 44 8.60 -6.53 -1.84
CA SER A 44 7.39 -5.72 -1.86
C SER A 44 6.31 -6.38 -0.99
N PHE A 45 5.30 -5.61 -0.59
CA PHE A 45 4.22 -6.19 0.23
C PHE A 45 3.41 -7.22 -0.55
N GLN A 46 2.71 -8.14 0.11
CA GLN A 46 1.74 -9.05 -0.47
C GLN A 46 0.36 -8.75 0.09
N TRP A 47 -0.69 -8.87 -0.70
CA TRP A 47 -1.99 -8.37 -0.26
C TRP A 47 -2.99 -9.43 0.11
N LEU A 48 -3.66 -9.24 1.25
CA LEU A 48 -4.79 -10.12 1.58
C LEU A 48 -6.04 -9.36 1.13
N ASP A 49 -6.20 -9.28 -0.20
CA ASP A 49 -7.28 -8.50 -0.79
C ASP A 49 -8.51 -9.32 -1.09
N ARG A 50 -8.43 -10.61 -0.78
CA ARG A 50 -9.53 -11.55 -0.90
C ARG A 50 -9.42 -12.52 0.28
N ASN A 51 -10.54 -12.97 0.82
CA ASN A 51 -10.58 -13.89 1.94
C ASN A 51 -9.76 -15.15 1.71
N VAL A 52 -9.74 -15.67 0.48
CA VAL A 52 -9.01 -16.89 0.15
C VAL A 52 -7.52 -16.79 0.35
N THR A 53 -6.92 -15.58 0.38
CA THR A 53 -5.49 -15.42 0.62
C THR A 53 -5.09 -15.74 2.06
N VAL A 54 -6.00 -15.68 3.03
CA VAL A 54 -5.63 -15.87 4.45
C VAL A 54 -5.08 -17.27 4.72
N ASP A 55 -5.75 -18.34 4.30
CA ASP A 55 -5.29 -19.70 4.56
C ASP A 55 -4.38 -20.23 3.45
N THR A 56 -4.00 -19.33 2.52
CA THR A 56 -3.10 -19.69 1.44
C THR A 56 -1.85 -18.83 1.46
N LEU A 57 -1.85 -17.71 0.75
CA LEU A 57 -0.71 -16.80 0.69
C LEU A 57 -0.12 -16.45 2.04
N LEU A 58 -0.99 -16.05 3.00
CA LEU A 58 -0.45 -15.62 4.28
C LEU A 58 0.35 -16.76 4.90
N VAL A 59 -0.25 -17.95 5.01
CA VAL A 59 0.42 -19.10 5.65
C VAL A 59 1.69 -19.48 4.91
N GLN A 60 1.60 -19.51 3.58
CA GLN A 60 2.74 -19.86 2.76
C GLN A 60 3.87 -18.86 2.96
N THR A 61 3.59 -17.55 2.92
CA THR A 61 4.66 -16.57 3.15
C THR A 61 5.34 -16.74 4.49
N LEU A 62 4.54 -16.83 5.57
CA LEU A 62 5.10 -16.95 6.92
C LEU A 62 5.88 -18.27 7.07
N SER A 63 5.38 -19.32 6.46
CA SER A 63 6.09 -20.62 6.51
C SER A 63 7.43 -20.48 5.81
N GLU A 64 7.46 -19.85 4.63
CA GLU A 64 8.71 -19.69 3.88
C GLU A 64 9.74 -18.84 4.62
N ILE A 65 9.30 -17.76 5.28
CA ILE A 65 10.18 -16.91 6.06
C ILE A 65 10.71 -17.67 7.27
N ARG A 66 9.87 -18.43 7.96
CA ARG A 66 10.36 -19.21 9.10
C ARG A 66 11.49 -20.16 8.67
N GLU A 67 11.29 -20.86 7.57
CA GLU A 67 12.28 -21.81 7.03
C GLU A 67 13.57 -21.09 6.71
N ALA A 68 13.50 -19.91 6.07
CA ALA A 68 14.70 -19.14 5.74
C ALA A 68 15.41 -18.68 6.99
N ASN A 69 14.65 -18.22 7.99
CA ASN A 69 15.21 -17.78 9.25
C ASN A 69 15.84 -18.91 10.07
N GLN A 70 15.18 -20.06 10.07
CA GLN A 70 15.70 -21.22 10.80
C GLN A 70 16.95 -21.77 10.13
N ALA A 71 17.11 -21.53 8.83
CA ALA A 71 18.30 -21.91 8.09
C ALA A 71 19.45 -20.92 8.30
N GLY A 72 19.28 -19.83 9.05
CA GLY A 72 20.36 -18.91 9.31
C GLY A 72 20.32 -17.54 8.69
N ALA A 73 19.19 -17.10 8.13
CA ALA A 73 19.18 -15.76 7.53
C ALA A 73 19.76 -14.78 8.57
N ASN A 74 20.57 -13.83 8.14
CA ASN A 74 21.10 -12.84 9.07
C ASN A 74 21.34 -11.52 8.37
N PRO A 75 20.62 -10.49 8.77
CA PRO A 75 19.60 -10.54 9.80
C PRO A 75 18.38 -11.36 9.42
N GLN A 76 17.50 -11.67 10.38
CA GLN A 76 16.31 -12.44 10.10
C GLN A 76 15.37 -11.69 9.15
N TYR A 77 14.53 -12.42 8.44
CA TYR A 77 13.56 -11.81 7.52
C TYR A 77 12.24 -11.45 8.21
N ALA A 78 11.60 -10.39 7.74
CA ALA A 78 10.30 -9.97 8.24
C ALA A 78 9.30 -9.91 7.06
N ALA A 79 8.03 -10.13 7.38
CA ALA A 79 6.97 -10.17 6.40
C ALA A 79 6.32 -8.79 6.29
N GLN A 80 5.84 -8.50 5.08
CA GLN A 80 5.16 -7.25 4.78
C GLN A 80 3.82 -7.64 4.15
N ILE A 81 2.72 -7.34 4.83
CA ILE A 81 1.39 -7.77 4.40
C ILE A 81 0.38 -6.64 4.46
N VAL A 82 -0.53 -6.59 3.49
CA VAL A 82 -1.60 -5.60 3.46
C VAL A 82 -2.93 -6.26 3.81
N VAL A 83 -3.67 -5.71 4.76
CA VAL A 83 -5.01 -6.16 5.11
C VAL A 83 -5.98 -5.32 4.28
N TYR A 84 -6.70 -5.93 3.33
CA TYR A 84 -7.54 -5.12 2.43
C TYR A 84 -8.82 -5.85 2.05
N ASP A 85 -9.78 -5.93 2.98
CA ASP A 85 -11.07 -6.58 2.65
C ASP A 85 -12.26 -5.99 3.37
N LEU A 86 -12.27 -4.70 3.74
CA LEU A 86 -13.44 -4.16 4.41
C LEU A 86 -14.68 -4.36 3.54
N PRO A 87 -15.83 -4.56 4.16
CA PRO A 87 -17.10 -4.65 3.46
C PRO A 87 -17.50 -3.29 2.92
N ASP A 88 -18.17 -3.24 1.77
CA ASP A 88 -18.46 -1.97 1.11
C ASP A 88 -17.13 -1.24 0.86
N ARG A 89 -16.14 -1.97 0.37
CA ARG A 89 -14.78 -1.50 0.20
C ARG A 89 -14.76 -0.41 -0.86
N ASP A 90 -13.75 0.44 -0.73
CA ASP A 90 -13.55 1.51 -1.73
C ASP A 90 -14.84 2.24 -1.97
N CYS A 91 -15.45 2.79 -0.93
CA CYS A 91 -16.77 3.40 -1.01
C CYS A 91 -16.90 4.47 -2.09
N ALA A 92 -15.91 5.29 -2.37
CA ALA A 92 -16.11 6.38 -3.34
C ALA A 92 -15.66 6.04 -4.75
N ALA A 93 -15.19 4.83 -4.96
CA ALA A 93 -14.66 4.46 -6.27
C ALA A 93 -15.78 4.22 -7.27
N ALA A 94 -15.43 4.35 -8.55
CA ALA A 94 -16.40 4.05 -9.60
C ALA A 94 -16.65 2.55 -9.66
N ALA A 95 -15.62 1.76 -9.38
CA ALA A 95 -15.73 0.31 -9.36
C ALA A 95 -14.95 -0.24 -8.17
N SER A 96 -15.30 -1.40 -7.64
CA SER A 96 -14.54 -1.98 -6.53
C SER A 96 -14.43 -3.48 -6.68
N ASN A 97 -13.27 -4.04 -6.32
CA ASN A 97 -13.16 -5.51 -6.37
C ASN A 97 -13.39 -6.14 -5.00
N GLY A 98 -13.87 -5.34 -4.03
CA GLY A 98 -14.13 -5.92 -2.71
C GLY A 98 -15.21 -7.00 -2.82
N GLU A 99 -15.14 -8.07 -2.03
CA GLU A 99 -16.12 -9.14 -2.15
C GLU A 99 -17.28 -9.09 -1.19
N TRP A 100 -17.19 -8.29 -0.11
CA TRP A 100 -18.24 -8.26 0.89
C TRP A 100 -18.99 -6.95 0.96
N ALA A 101 -20.23 -7.03 1.40
CA ALA A 101 -21.09 -5.87 1.54
C ALA A 101 -21.67 -5.81 2.94
N ILE A 102 -21.75 -4.58 3.46
CA ILE A 102 -22.33 -4.38 4.78
C ILE A 102 -23.75 -4.94 4.85
N ALA A 103 -24.56 -4.77 3.81
CA ALA A 103 -25.95 -5.25 3.84
C ALA A 103 -26.08 -6.75 3.68
N ASN A 104 -24.97 -7.45 3.39
CA ASN A 104 -25.01 -8.91 3.26
C ASN A 104 -24.00 -9.62 4.15
N ASN A 105 -24.09 -9.40 5.44
CA ASN A 105 -23.23 -9.97 6.47
C ASN A 105 -21.78 -9.54 6.43
N GLY A 106 -21.45 -8.38 5.85
CA GLY A 106 -20.07 -7.95 5.70
C GLY A 106 -19.34 -7.77 7.01
N VAL A 107 -19.99 -7.27 8.05
CA VAL A 107 -19.29 -7.06 9.34
C VAL A 107 -18.88 -8.39 9.94
N ASN A 108 -19.80 -9.35 10.04
CA ASN A 108 -19.46 -10.66 10.56
C ASN A 108 -18.42 -11.32 9.67
N ASN A 109 -18.51 -11.20 8.34
CA ASN A 109 -17.49 -11.77 7.48
C ASN A 109 -16.12 -11.15 7.76
N TYR A 110 -16.04 -9.85 7.90
CA TYR A 110 -14.76 -9.19 8.16
C TYR A 110 -14.20 -9.52 9.52
N LYS A 111 -15.08 -9.54 10.54
CA LYS A 111 -14.56 -9.93 11.86
C LYS A 111 -13.95 -11.31 11.87
N ALA A 112 -14.57 -12.26 11.16
CA ALA A 112 -14.03 -13.62 11.13
C ALA A 112 -12.70 -13.66 10.38
N TYR A 113 -12.58 -12.88 9.31
CA TYR A 113 -11.34 -12.77 8.54
C TYR A 113 -10.22 -12.21 9.44
N ILE A 114 -10.48 -11.14 10.16
CA ILE A 114 -9.48 -10.59 11.08
C ILE A 114 -9.11 -11.64 12.14
N ASN A 115 -10.08 -12.38 12.67
CA ASN A 115 -9.87 -13.38 13.70
C ASN A 115 -8.98 -14.53 13.20
N ARG A 116 -9.19 -14.98 11.97
CA ARG A 116 -8.38 -16.05 11.40
C ARG A 116 -6.97 -15.53 11.14
N ILE A 117 -6.84 -14.31 10.61
CA ILE A 117 -5.51 -13.71 10.47
C ILE A 117 -4.78 -13.66 11.83
N ARG A 118 -5.50 -13.24 12.87
CA ARG A 118 -4.91 -13.17 14.21
C ARG A 118 -4.41 -14.54 14.62
N GLU A 119 -5.21 -15.59 14.40
CA GLU A 119 -4.81 -16.94 14.75
C GLU A 119 -3.51 -17.36 14.05
N ILE A 120 -3.43 -17.04 12.76
CA ILE A 120 -2.23 -17.36 11.99
C ILE A 120 -1.05 -16.54 12.48
N LEU A 121 -1.23 -15.24 12.72
CA LEU A 121 -0.10 -14.44 13.23
C LEU A 121 0.39 -14.98 14.57
N ILE A 122 -0.51 -15.31 15.48
CA ILE A 122 -0.11 -15.91 16.77
C ILE A 122 0.72 -17.17 16.57
N SER A 123 0.39 -18.00 15.59
CA SER A 123 1.10 -19.24 15.29
C SER A 123 2.45 -18.99 14.64
N PHE A 124 2.68 -17.77 14.14
CA PHE A 124 3.96 -17.39 13.56
C PHE A 124 4.55 -16.23 14.34
N SER A 125 4.49 -16.29 15.69
CA SER A 125 5.04 -15.22 16.53
C SER A 125 6.56 -15.04 16.44
N ASP A 126 7.25 -15.95 15.78
CA ASP A 126 8.66 -15.93 15.51
C ASP A 126 8.97 -15.22 14.19
N VAL A 127 7.96 -14.67 13.51
CA VAL A 127 8.17 -13.93 12.27
C VAL A 127 7.69 -12.48 12.45
N ARG A 128 8.65 -11.54 12.47
CA ARG A 128 8.25 -10.15 12.63
C ARG A 128 7.34 -9.83 11.42
N THR A 129 6.19 -9.26 11.70
CA THR A 129 5.20 -9.02 10.64
C THR A 129 4.74 -7.56 10.60
N ILE A 130 4.96 -6.92 9.46
CA ILE A 130 4.56 -5.51 9.30
C ILE A 130 3.29 -5.47 8.47
N LEU A 131 2.25 -4.77 8.94
CA LEU A 131 1.01 -4.70 8.23
C LEU A 131 0.57 -3.29 7.84
N VAL A 132 -0.01 -3.22 6.65
CA VAL A 132 -0.63 -1.95 6.21
C VAL A 132 -2.12 -2.25 6.34
N ILE A 133 -2.83 -1.42 7.11
CA ILE A 133 -4.25 -1.66 7.31
C ILE A 133 -5.11 -0.87 6.35
N GLU A 134 -5.84 -1.62 5.53
CA GLU A 134 -6.88 -1.11 4.64
C GLU A 134 -6.68 0.17 3.86
N PRO A 135 -5.95 0.10 2.76
CA PRO A 135 -5.82 1.23 1.84
C PRO A 135 -7.18 1.72 1.35
N ASP A 136 -7.30 3.02 1.04
CA ASP A 136 -8.56 3.55 0.51
C ASP A 136 -9.74 3.26 1.42
N SER A 137 -9.57 3.47 2.72
CA SER A 137 -10.69 3.27 3.66
C SER A 137 -10.97 4.56 4.41
N LEU A 138 -10.33 4.78 5.55
CA LEU A 138 -10.57 5.98 6.34
C LEU A 138 -10.22 7.29 5.69
N ALA A 139 -9.36 7.35 4.67
CA ALA A 139 -9.09 8.58 3.95
C ALA A 139 -10.39 9.10 3.31
N ASN A 140 -11.29 8.20 2.93
CA ASN A 140 -12.59 8.53 2.39
C ASN A 140 -13.45 9.30 3.37
N MET A 141 -13.28 9.02 4.68
CA MET A 141 -14.06 9.73 5.69
C MET A 141 -13.67 11.21 5.79
N VAL A 142 -12.45 11.55 5.41
CA VAL A 142 -11.99 12.94 5.47
C VAL A 142 -12.63 13.74 4.35
N THR A 143 -12.56 13.23 3.10
CA THR A 143 -13.04 14.00 1.98
C THR A 143 -14.22 13.49 1.16
N ASN A 144 -14.56 12.22 1.26
CA ASN A 144 -15.59 11.67 0.39
C ASN A 144 -16.90 11.30 1.05
N MET A 145 -17.23 11.93 2.19
CA MET A 145 -18.53 11.69 2.82
C MET A 145 -19.72 12.23 2.07
N ASN A 146 -19.51 13.07 1.06
CA ASN A 146 -20.60 13.51 0.19
C ASN A 146 -21.12 12.35 -0.65
N VAL A 147 -20.29 11.31 -0.83
CA VAL A 147 -20.71 10.14 -1.63
C VAL A 147 -21.54 9.26 -0.73
N PRO A 148 -22.78 8.98 -1.09
CA PRO A 148 -23.68 8.26 -0.19
C PRO A 148 -23.13 6.94 0.31
N LYS A 149 -22.46 6.14 -0.49
CA LYS A 149 -21.93 4.85 -0.02
C LYS A 149 -20.88 5.07 1.07
N CYS A 150 -20.13 6.15 0.95
CA CYS A 150 -19.11 6.48 1.96
C CYS A 150 -19.75 6.96 3.26
N SER A 151 -20.81 7.80 3.21
CA SER A 151 -21.40 8.22 4.47
C SER A 151 -22.09 7.03 5.13
N GLY A 152 -22.62 6.11 4.31
CA GLY A 152 -23.27 4.91 4.82
C GLY A 152 -22.26 3.91 5.38
N ALA A 153 -21.02 3.94 4.90
CA ALA A 153 -20.01 2.99 5.36
C ALA A 153 -19.15 3.49 6.51
N ALA A 154 -19.14 4.81 6.72
CA ALA A 154 -18.27 5.42 7.70
C ALA A 154 -18.25 4.75 9.06
N SER A 155 -19.40 4.59 9.74
CA SER A 155 -19.35 4.02 11.09
C SER A 155 -18.78 2.60 11.05
N THR A 156 -19.12 1.81 10.02
CA THR A 156 -18.61 0.46 9.90
C THR A 156 -17.10 0.46 9.66
N TYR A 157 -16.60 1.33 8.79
CA TYR A 157 -15.15 1.42 8.61
C TYR A 157 -14.48 1.79 9.95
N ARG A 158 -15.06 2.71 10.71
CA ARG A 158 -14.45 3.09 11.98
C ARG A 158 -14.41 1.90 12.92
N GLU A 159 -15.58 1.26 13.14
CA GLU A 159 -15.69 0.16 14.05
C GLU A 159 -14.80 -1.04 13.69
N LEU A 160 -14.77 -1.38 12.42
CA LEU A 160 -13.96 -2.50 11.95
C LEU A 160 -12.47 -2.19 11.95
N THR A 161 -12.09 -0.94 11.73
CA THR A 161 -10.66 -0.58 11.83
C THR A 161 -10.24 -0.75 13.30
N ILE A 162 -11.05 -0.25 14.23
CA ILE A 162 -10.73 -0.40 15.66
C ILE A 162 -10.64 -1.87 16.02
N TYR A 163 -11.59 -2.68 15.57
CA TYR A 163 -11.55 -4.12 15.76
C TYR A 163 -10.24 -4.71 15.28
N ALA A 164 -9.80 -4.39 14.06
CA ALA A 164 -8.58 -4.90 13.48
C ALA A 164 -7.36 -4.42 14.26
N LEU A 165 -7.33 -3.14 14.64
CA LEU A 165 -6.18 -2.63 15.41
C LEU A 165 -6.02 -3.38 16.73
N LYS A 166 -7.13 -3.68 17.43
CA LYS A 166 -7.00 -4.43 18.68
C LYS A 166 -6.75 -5.91 18.48
N GLN A 167 -7.41 -6.55 17.50
CA GLN A 167 -7.19 -7.99 17.31
C GLN A 167 -5.82 -8.35 16.76
N LEU A 168 -5.23 -7.39 16.03
CA LEU A 168 -3.91 -7.65 15.45
C LEU A 168 -2.79 -6.99 16.24
N ASP A 169 -3.11 -6.56 17.46
CA ASP A 169 -2.14 -5.96 18.37
C ASP A 169 -1.38 -7.09 19.07
N LEU A 170 -0.38 -7.62 18.38
CA LEU A 170 0.42 -8.74 18.88
C LEU A 170 1.87 -8.31 19.00
N PRO A 171 2.61 -8.86 19.95
CA PRO A 171 3.97 -8.46 20.25
C PRO A 171 4.92 -8.43 19.07
N HIS A 172 4.79 -9.30 18.08
CA HIS A 172 5.67 -9.36 16.93
C HIS A 172 5.14 -8.62 15.70
N VAL A 173 4.08 -7.85 15.84
CA VAL A 173 3.48 -7.13 14.74
C VAL A 173 3.69 -5.62 14.87
N ALA A 174 3.73 -4.93 13.73
CA ALA A 174 3.75 -3.50 13.64
C ALA A 174 2.64 -3.14 12.63
N MET A 175 1.75 -2.23 12.96
CA MET A 175 0.72 -1.84 12.02
C MET A 175 0.83 -0.37 11.61
N TYR A 176 0.57 -0.09 10.32
CA TYR A 176 0.49 1.24 9.77
C TYR A 176 -0.88 1.43 9.11
N MET A 177 -1.70 2.35 9.56
CA MET A 177 -2.99 2.59 8.96
C MET A 177 -2.82 3.36 7.65
N ASP A 178 -3.58 3.01 6.61
CA ASP A 178 -3.41 3.79 5.39
C ASP A 178 -3.81 5.25 5.64
N ALA A 179 -3.09 6.18 5.03
CA ALA A 179 -3.46 7.61 5.19
C ALA A 179 -3.40 8.34 3.85
N GLY A 180 -3.97 7.73 2.80
CA GLY A 180 -4.02 8.35 1.48
C GLY A 180 -2.64 8.80 0.99
N HIS A 181 -2.59 9.98 0.35
CA HIS A 181 -1.32 10.51 -0.16
C HIS A 181 -1.40 12.04 -0.22
N ALA A 182 -0.30 12.69 -0.60
CA ALA A 182 -0.24 14.14 -0.62
C ALA A 182 -1.35 14.80 -1.43
N GLY A 183 -1.75 14.21 -2.55
CA GLY A 183 -2.78 14.73 -3.41
C GLY A 183 -4.18 14.39 -2.95
N TRP A 184 -4.35 13.70 -1.81
CA TRP A 184 -5.65 13.39 -1.25
C TRP A 184 -5.78 14.16 0.07
N LEU A 185 -5.07 13.71 1.10
CA LEU A 185 -5.15 14.32 2.41
C LEU A 185 -4.11 15.41 2.65
N GLY A 186 -3.16 15.62 1.75
CA GLY A 186 -2.09 16.60 1.95
C GLY A 186 -2.50 18.03 1.64
N TRP A 187 -3.61 18.21 0.93
CA TRP A 187 -4.08 19.60 0.69
C TRP A 187 -4.25 20.25 2.05
N PRO A 188 -3.88 21.52 2.20
CA PRO A 188 -3.92 22.20 3.47
C PRO A 188 -5.23 22.13 4.22
N ALA A 189 -6.36 22.18 3.53
CA ALA A 189 -7.67 22.09 4.17
C ALA A 189 -8.00 20.69 4.69
N ASN A 190 -7.31 19.65 4.21
CA ASN A 190 -7.62 18.30 4.65
C ASN A 190 -6.71 17.80 5.75
N ILE A 191 -5.60 18.47 6.01
CA ILE A 191 -4.62 18.04 7.00
C ILE A 191 -5.16 17.85 8.41
N GLN A 192 -5.81 18.88 8.95
CA GLN A 192 -6.31 18.81 10.32
C GLN A 192 -7.48 17.88 10.57
N PRO A 193 -8.46 17.87 9.67
CA PRO A 193 -9.55 16.90 9.76
C PRO A 193 -8.98 15.48 9.71
N ALA A 194 -7.98 15.24 8.86
CA ALA A 194 -7.36 13.92 8.80
C ALA A 194 -6.66 13.59 10.11
N ALA A 195 -5.95 14.60 10.65
CA ALA A 195 -5.23 14.42 11.91
C ALA A 195 -6.21 14.13 13.04
N GLU A 196 -7.33 14.85 13.05
CA GLU A 196 -8.37 14.58 14.05
C GLU A 196 -8.91 13.16 13.93
N LEU A 197 -9.24 12.75 12.71
CA LEU A 197 -9.74 11.40 12.51
C LEU A 197 -8.78 10.30 12.93
N PHE A 198 -7.53 10.31 12.46
CA PHE A 198 -6.60 9.24 12.77
C PHE A 198 -6.18 9.21 14.24
N ALA A 199 -6.00 10.39 14.84
CA ALA A 199 -5.62 10.40 16.25
C ALA A 199 -6.76 9.90 17.13
N LYS A 200 -8.00 10.19 16.75
CA LYS A 200 -9.12 9.74 17.59
C LYS A 200 -9.32 8.23 17.48
N ILE A 201 -9.15 7.67 16.30
CA ILE A 201 -9.23 6.22 16.10
C ILE A 201 -8.17 5.59 17.00
N TYR A 202 -6.94 6.09 16.91
CA TYR A 202 -5.82 5.57 17.72
C TYR A 202 -6.18 5.55 19.20
N GLU A 203 -6.70 6.67 19.69
CA GLU A 203 -7.12 6.79 21.09
C GLU A 203 -8.24 5.81 21.41
N ASP A 204 -9.27 5.81 20.55
CA ASP A 204 -10.41 4.93 20.76
C ASP A 204 -10.04 3.46 20.73
N ALA A 205 -8.98 3.04 20.04
CA ALA A 205 -8.54 1.66 20.05
C ALA A 205 -7.65 1.34 21.27
N GLY A 206 -7.42 2.29 22.17
CA GLY A 206 -6.58 2.07 23.33
C GLY A 206 -5.10 2.30 23.09
N LYS A 207 -4.72 2.99 22.00
CA LYS A 207 -3.33 3.18 21.63
C LYS A 207 -2.57 1.86 21.72
N PRO A 208 -2.98 0.89 20.89
CA PRO A 208 -2.37 -0.43 20.88
C PRO A 208 -0.88 -0.34 20.66
N ARG A 209 -0.09 -1.15 21.36
CA ARG A 209 1.38 -1.07 21.22
C ARG A 209 1.85 -1.27 19.79
N ALA A 210 1.21 -2.19 19.07
CA ALA A 210 1.57 -2.55 17.71
C ALA A 210 1.26 -1.48 16.67
N VAL A 211 0.41 -0.51 17.01
CA VAL A 211 0.10 0.57 16.06
C VAL A 211 1.27 1.55 16.04
N ARG A 212 2.04 1.45 14.96
CA ARG A 212 3.26 2.23 14.81
C ARG A 212 3.01 3.57 14.13
N GLY A 213 1.96 3.65 13.29
CA GLY A 213 1.68 4.94 12.65
C GLY A 213 0.89 4.76 11.36
N LEU A 214 1.31 5.43 10.30
CA LEU A 214 0.51 5.50 9.08
C LEU A 214 1.33 5.18 7.84
N ALA A 215 0.66 4.76 6.76
CA ALA A 215 1.34 4.50 5.49
C ALA A 215 0.79 5.45 4.43
N THR A 216 1.65 6.02 3.59
CA THR A 216 1.19 6.93 2.56
C THR A 216 1.68 6.54 1.17
N ASN A 217 0.99 7.09 0.18
CA ASN A 217 1.23 6.88 -1.24
C ASN A 217 1.03 5.45 -1.71
N VAL A 218 0.32 4.61 -0.95
CA VAL A 218 0.10 3.22 -1.31
C VAL A 218 -0.56 3.13 -2.68
N ALA A 219 0.06 2.43 -3.62
CA ALA A 219 -0.44 2.25 -4.97
C ALA A 219 -0.52 3.56 -5.75
N ASN A 220 0.14 4.60 -5.29
CA ASN A 220 0.16 5.87 -6.03
C ASN A 220 1.58 6.11 -6.51
N TYR A 221 1.82 7.25 -7.17
CA TYR A 221 3.10 7.49 -7.81
C TYR A 221 3.84 8.72 -7.34
N ASN A 222 3.39 9.34 -6.23
CA ASN A 222 4.01 10.56 -5.77
C ASN A 222 5.49 10.43 -5.41
N ALA A 223 6.18 11.56 -5.55
CA ALA A 223 7.59 11.61 -5.16
C ALA A 223 7.66 11.66 -3.63
N TRP A 224 8.78 11.24 -3.08
CA TRP A 224 9.07 11.42 -1.69
C TRP A 224 9.45 12.91 -1.56
N SER A 225 10.41 13.32 -2.41
CA SER A 225 10.87 14.71 -2.32
C SER A 225 11.52 15.14 -3.63
N VAL A 226 10.89 16.10 -4.27
CA VAL A 226 11.42 16.68 -5.51
C VAL A 226 11.42 18.20 -5.35
N SER A 227 12.40 18.84 -5.99
CA SER A 227 12.62 20.27 -5.87
C SER A 227 11.55 21.12 -6.52
N SER A 228 10.94 20.62 -7.59
CA SER A 228 9.90 21.35 -8.28
C SER A 228 8.59 20.56 -8.31
N PRO A 229 7.47 21.24 -8.08
CA PRO A 229 6.17 20.61 -8.11
C PRO A 229 5.72 20.17 -9.49
N PRO A 230 5.36 18.90 -9.62
CA PRO A 230 4.84 18.37 -10.88
C PRO A 230 3.60 19.17 -11.20
N PRO A 231 3.42 19.54 -12.47
CA PRO A 231 2.31 20.38 -12.91
C PRO A 231 0.93 19.92 -12.50
N TYR A 232 0.66 18.60 -12.48
CA TYR A 232 -0.62 18.08 -12.08
C TYR A 232 -0.87 18.17 -10.58
N THR A 233 0.10 18.54 -9.76
CA THR A 233 -0.12 18.74 -8.34
C THR A 233 -0.57 20.16 -8.03
N SER A 234 -0.36 21.09 -8.96
CA SER A 234 -0.73 22.49 -8.69
C SER A 234 -2.22 22.65 -8.48
N PRO A 235 -2.64 23.51 -7.55
CA PRO A 235 -1.76 24.34 -6.75
C PRO A 235 -1.50 23.85 -5.34
N ASN A 236 -1.52 22.53 -5.12
CA ASN A 236 -1.28 22.04 -3.75
C ASN A 236 0.12 22.40 -3.33
N PRO A 237 0.31 23.11 -2.22
CA PRO A 237 1.61 23.39 -1.67
C PRO A 237 2.33 22.13 -1.22
N ASN A 238 1.59 21.10 -0.78
CA ASN A 238 2.22 19.86 -0.30
C ASN A 238 2.21 18.87 -1.47
N TYR A 239 3.12 19.12 -2.41
CA TYR A 239 3.15 18.46 -3.69
C TYR A 239 3.90 17.14 -3.70
N ASP A 240 4.48 16.71 -2.57
CA ASP A 240 5.19 15.42 -2.52
C ASP A 240 4.94 14.85 -1.13
N GLU A 241 5.34 13.61 -0.89
CA GLU A 241 5.06 12.97 0.40
C GLU A 241 5.83 13.59 1.54
N LYS A 242 7.06 14.04 1.35
CA LYS A 242 7.79 14.72 2.43
C LYS A 242 7.05 15.96 2.90
N HIS A 243 6.52 16.79 1.99
CA HIS A 243 5.77 17.98 2.38
C HIS A 243 4.51 17.55 3.16
N TYR A 244 3.81 16.54 2.63
CA TYR A 244 2.60 16.07 3.31
C TYR A 244 2.89 15.62 4.74
N ILE A 245 3.84 14.71 4.90
CA ILE A 245 4.16 14.17 6.22
C ILE A 245 4.74 15.18 7.19
N GLU A 246 5.60 16.10 6.70
CA GLU A 246 6.12 17.14 7.59
C GLU A 246 5.03 18.05 8.13
N ALA A 247 3.95 18.30 7.40
CA ALA A 247 2.84 19.09 7.88
C ALA A 247 1.85 18.30 8.73
N PHE A 248 1.65 17.03 8.40
CA PHE A 248 0.71 16.15 9.05
C PHE A 248 1.14 15.62 10.41
N ARG A 249 2.39 15.19 10.56
CA ARG A 249 2.87 14.65 11.84
C ARG A 249 2.67 15.52 13.04
N PRO A 250 3.07 16.80 13.05
CA PRO A 250 2.89 17.66 14.20
C PRO A 250 1.44 17.73 14.67
N LEU A 251 0.48 17.77 13.74
CA LEU A 251 -0.93 17.82 14.12
C LEU A 251 -1.38 16.52 14.76
N LEU A 252 -0.91 15.41 14.21
CA LEU A 252 -1.22 14.09 14.78
C LEU A 252 -0.64 14.03 16.19
N GLU A 253 0.65 14.37 16.32
CA GLU A 253 1.35 14.26 17.59
C GLU A 253 0.73 15.10 18.68
N ALA A 254 0.25 16.31 18.35
CA ALA A 254 -0.42 17.18 19.30
C ALA A 254 -1.73 16.59 19.80
N ARG A 255 -2.31 15.66 19.04
CA ARG A 255 -3.55 15.01 19.38
C ARG A 255 -3.31 13.60 19.93
N GLY A 256 -2.10 13.32 20.40
CA GLY A 256 -1.83 12.06 21.09
C GLY A 256 -1.34 10.91 20.25
N PHE A 257 -1.08 11.15 18.97
CA PHE A 257 -0.61 10.06 18.09
C PHE A 257 0.68 10.44 17.39
N PRO A 258 1.84 10.07 17.89
CA PRO A 258 3.14 10.42 17.30
C PRO A 258 3.50 9.42 16.22
N ALA A 259 2.65 9.36 15.20
CA ALA A 259 2.73 8.42 14.12
C ALA A 259 4.03 8.48 13.33
N GLN A 260 4.61 7.30 13.18
CA GLN A 260 5.76 7.09 12.32
C GLN A 260 5.19 6.66 10.97
N PHE A 261 5.85 7.02 9.88
CA PHE A 261 5.29 6.73 8.57
C PHE A 261 6.09 5.74 7.74
N ILE A 262 5.40 5.10 6.80
CA ILE A 262 6.07 4.31 5.78
C ILE A 262 5.50 4.86 4.47
N VAL A 263 6.35 4.98 3.44
CA VAL A 263 5.90 5.61 2.20
C VAL A 263 6.17 4.72 0.98
N ASP A 264 5.14 4.47 0.19
CA ASP A 264 5.29 3.63 -1.01
C ASP A 264 6.04 4.46 -2.06
N GLN A 265 7.09 3.87 -2.62
CA GLN A 265 7.91 4.48 -3.65
C GLN A 265 8.13 3.46 -4.78
N GLY A 266 7.31 2.40 -4.76
CA GLY A 266 7.44 1.37 -5.79
C GLY A 266 7.26 1.88 -7.22
N ARG A 267 6.48 2.94 -7.45
CA ARG A 267 6.26 3.45 -8.79
C ARG A 267 6.53 4.95 -8.84
N SER A 268 7.44 5.42 -7.99
CA SER A 268 7.71 6.85 -7.84
C SER A 268 9.02 7.36 -8.41
N GLY A 269 9.74 6.50 -9.11
CA GLY A 269 11.05 6.80 -9.65
C GLY A 269 11.10 7.97 -10.63
N LYS A 270 10.16 8.07 -11.55
CA LYS A 270 10.18 9.12 -12.56
C LYS A 270 9.24 10.25 -12.21
N GLN A 271 9.81 11.45 -12.05
CA GLN A 271 9.04 12.64 -11.69
C GLN A 271 9.38 13.79 -12.64
N PRO A 272 8.38 14.50 -13.14
CA PRO A 272 6.99 14.20 -12.91
C PRO A 272 6.56 12.90 -13.61
N THR A 273 5.39 12.36 -13.26
CA THR A 273 4.95 11.16 -13.96
C THR A 273 4.26 11.54 -15.27
N GLY A 274 3.62 10.58 -15.93
CA GLY A 274 2.86 10.88 -17.14
C GLY A 274 1.39 11.16 -16.84
N GLN A 275 1.02 11.29 -15.56
CA GLN A 275 -0.34 11.57 -15.16
C GLN A 275 -0.79 12.95 -15.68
N LYS A 276 -1.98 13.01 -16.23
CA LYS A 276 -2.54 14.27 -16.73
C LYS A 276 -3.19 15.01 -15.57
N GLU A 277 -3.77 14.27 -14.64
CA GLU A 277 -4.42 14.77 -13.44
C GLU A 277 -3.94 13.89 -12.28
N TRP A 278 -3.79 14.47 -11.10
CA TRP A 278 -3.27 13.80 -9.92
C TRP A 278 -4.10 12.61 -9.46
N GLY A 279 -5.41 12.68 -9.61
CA GLY A 279 -6.32 11.62 -9.24
C GLY A 279 -6.35 10.46 -10.24
N HIS A 280 -5.52 10.48 -11.27
CA HIS A 280 -5.49 9.36 -12.24
C HIS A 280 -4.56 8.29 -11.67
N TRP A 281 -5.15 7.28 -11.03
CA TRP A 281 -4.34 6.28 -10.34
C TRP A 281 -4.15 4.97 -11.07
N CYS A 282 -4.87 4.76 -12.17
CA CYS A 282 -4.75 3.45 -12.82
C CYS A 282 -3.71 3.29 -13.89
N ASN A 283 -2.77 2.38 -13.65
CA ASN A 283 -1.74 2.03 -14.62
C ASN A 283 -1.20 3.27 -15.32
N ALA A 284 -0.74 4.24 -14.53
CA ALA A 284 -0.32 5.51 -15.08
C ALA A 284 0.93 5.40 -15.96
N ILE A 285 0.89 6.10 -17.09
CA ILE A 285 2.06 6.09 -17.99
C ILE A 285 3.14 7.01 -17.44
N GLY A 286 4.35 6.84 -17.94
CA GLY A 286 5.49 7.66 -17.61
C GLY A 286 5.97 7.55 -16.18
N THR A 287 5.86 6.36 -15.62
CA THR A 287 6.28 6.07 -14.26
C THR A 287 7.43 5.07 -14.26
N GLY A 288 8.19 5.04 -13.18
CA GLY A 288 9.32 4.13 -13.08
C GLY A 288 9.50 3.60 -11.67
N PHE A 289 10.19 2.49 -11.49
CA PHE A 289 10.48 1.96 -10.16
C PHE A 289 11.25 3.01 -9.36
N GLY A 290 10.87 3.21 -8.11
CA GLY A 290 11.49 4.22 -7.28
C GLY A 290 12.52 3.71 -6.29
N MET A 291 12.80 4.51 -5.26
CA MET A 291 13.78 4.15 -4.25
C MET A 291 13.51 2.75 -3.68
N ARG A 292 14.57 1.98 -3.48
CA ARG A 292 14.38 0.62 -2.97
C ARG A 292 13.99 0.68 -1.50
N PRO A 293 13.23 -0.30 -1.04
CA PRO A 293 12.83 -0.38 0.36
C PRO A 293 14.01 -0.29 1.30
N THR A 294 13.86 0.52 2.35
CA THR A 294 14.95 0.67 3.32
C THR A 294 14.44 1.27 4.62
N ALA A 295 15.08 0.93 5.73
CA ALA A 295 14.78 1.49 7.03
C ALA A 295 15.62 2.74 7.25
N ASN A 296 16.58 3.00 6.37
CA ASN A 296 17.46 4.18 6.51
C ASN A 296 16.97 5.29 5.60
N THR A 297 15.95 6.02 6.06
CA THR A 297 15.31 7.02 5.23
C THR A 297 15.90 8.42 5.33
N GLY A 298 16.69 8.68 6.36
CA GLY A 298 17.23 10.02 6.56
C GLY A 298 16.15 10.98 7.07
N HIS A 299 15.03 10.47 7.58
CA HIS A 299 13.97 11.34 8.09
C HIS A 299 13.43 10.78 9.40
N GLN A 300 13.47 11.56 10.47
CA GLN A 300 13.02 11.12 11.79
C GLN A 300 11.60 10.57 11.84
N TYR A 301 10.69 11.02 10.99
CA TYR A 301 9.29 10.64 11.02
C TYR A 301 8.93 9.42 10.17
N VAL A 302 9.87 8.99 9.37
CA VAL A 302 9.67 7.90 8.41
C VAL A 302 10.50 6.68 8.77
N ASP A 303 9.82 5.59 9.19
CA ASP A 303 10.50 4.35 9.51
C ASP A 303 11.07 3.69 8.24
N ALA A 304 10.39 3.85 7.12
CA ALA A 304 10.91 3.21 5.91
C ALA A 304 10.23 3.69 4.64
N PHE A 305 11.02 3.53 3.58
CA PHE A 305 10.50 3.64 2.22
C PHE A 305 10.22 2.17 1.86
N VAL A 306 9.06 1.95 1.25
CA VAL A 306 8.66 0.59 0.93
C VAL A 306 8.05 0.49 -0.45
N TRP A 307 7.82 -0.75 -0.88
CA TRP A 307 7.13 -1.02 -2.14
C TRP A 307 5.84 -1.74 -1.74
N VAL A 308 4.74 -0.98 -1.68
CA VAL A 308 3.51 -1.65 -1.22
C VAL A 308 2.77 -2.29 -2.38
N LYS A 309 2.43 -1.51 -3.40
CA LYS A 309 1.82 -2.06 -4.63
C LYS A 309 2.98 -2.60 -5.47
N PRO A 310 3.02 -3.87 -5.79
CA PRO A 310 4.12 -4.47 -6.55
C PRO A 310 4.10 -4.01 -8.01
N GLY A 311 4.98 -3.13 -8.41
CA GLY A 311 4.98 -2.59 -9.78
C GLY A 311 5.04 -3.73 -10.80
N GLY A 312 4.13 -3.70 -11.76
CA GLY A 312 4.06 -4.73 -12.78
C GLY A 312 2.74 -5.49 -12.64
N GLU A 313 2.17 -5.52 -11.43
CA GLU A 313 0.85 -6.12 -11.22
C GLU A 313 -0.18 -5.03 -11.50
N CYS A 314 -1.15 -5.34 -12.33
CA CYS A 314 -2.15 -4.41 -12.80
C CYS A 314 -3.05 -3.75 -11.76
N ASP A 315 -3.47 -2.52 -12.07
CA ASP A 315 -4.42 -1.80 -11.22
C ASP A 315 -5.85 -2.06 -11.64
N GLY A 316 -6.08 -2.53 -12.87
CA GLY A 316 -7.44 -2.73 -13.36
C GLY A 316 -7.47 -2.89 -14.88
N THR A 317 -8.47 -3.63 -15.36
CA THR A 317 -8.58 -3.89 -16.80
C THR A 317 -8.97 -2.62 -17.56
N SER A 318 -8.49 -2.49 -18.80
CA SER A 318 -8.87 -1.34 -19.60
C SER A 318 -10.04 -1.70 -20.51
N ASP A 319 -10.47 -2.97 -20.46
CA ASP A 319 -11.60 -3.40 -21.28
C ASP A 319 -12.88 -2.75 -20.73
N THR A 320 -13.42 -1.78 -21.45
CA THR A 320 -14.61 -1.06 -21.02
C THR A 320 -15.85 -1.91 -20.87
N THR A 321 -15.89 -3.10 -21.45
CA THR A 321 -17.03 -3.99 -21.34
C THR A 321 -16.89 -4.96 -20.17
N ALA A 322 -15.72 -5.06 -19.54
CA ALA A 322 -15.56 -6.00 -18.43
C ALA A 322 -16.33 -5.61 -17.17
N ALA A 323 -16.84 -6.62 -16.48
CA ALA A 323 -17.59 -6.44 -15.25
C ALA A 323 -16.88 -5.54 -14.24
N ARG A 324 -15.59 -5.77 -14.02
CA ARG A 324 -14.86 -4.96 -13.03
C ARG A 324 -14.25 -3.67 -13.55
N TYR A 325 -14.60 -3.25 -14.76
CA TYR A 325 -14.02 -2.06 -15.35
C TYR A 325 -14.23 -0.80 -14.52
N ASP A 326 -13.15 -0.05 -14.31
CA ASP A 326 -13.21 1.24 -13.63
C ASP A 326 -12.84 2.26 -14.71
N TYR A 327 -13.61 3.31 -14.98
CA TYR A 327 -13.26 4.25 -16.04
C TYR A 327 -11.90 4.89 -15.91
N HIS A 328 -11.32 5.00 -14.72
CA HIS A 328 -9.94 5.49 -14.58
C HIS A 328 -8.94 4.65 -15.36
N CYS A 329 -9.21 3.36 -15.59
CA CYS A 329 -8.31 2.50 -16.33
C CYS A 329 -8.46 2.65 -17.84
N GLY A 330 -9.43 3.40 -18.33
CA GLY A 330 -9.57 3.70 -19.74
C GLY A 330 -9.14 5.11 -20.11
N LEU A 331 -8.60 5.92 -19.21
CA LEU A 331 -8.18 7.28 -19.55
C LEU A 331 -6.96 7.27 -20.46
N GLU A 332 -6.67 8.43 -21.07
CA GLU A 332 -5.55 8.62 -21.97
C GLU A 332 -4.19 8.39 -21.33
N ASP A 333 -4.05 8.58 -20.03
CA ASP A 333 -2.76 8.36 -19.39
C ASP A 333 -2.65 7.02 -18.69
N ALA A 334 -3.56 6.09 -18.96
CA ALA A 334 -3.49 4.75 -18.40
C ALA A 334 -2.99 3.82 -19.50
N LEU A 335 -1.98 3.01 -19.22
CA LEU A 335 -1.43 2.11 -20.22
C LEU A 335 -2.42 1.04 -20.62
N LYS A 336 -2.63 0.89 -21.94
CA LYS A 336 -3.58 -0.11 -22.43
C LYS A 336 -2.98 -0.88 -23.60
N PRO A 337 -3.53 -2.06 -23.86
CA PRO A 337 -4.63 -2.63 -23.08
C PRO A 337 -4.11 -3.24 -21.80
N ALA A 338 -4.90 -3.26 -20.74
CA ALA A 338 -4.44 -3.78 -19.45
C ALA A 338 -5.31 -4.95 -19.01
N PRO A 339 -4.70 -5.95 -18.38
CA PRO A 339 -5.41 -7.13 -17.92
C PRO A 339 -6.21 -6.89 -16.65
N GLU A 340 -6.78 -7.91 -16.02
CA GLU A 340 -7.52 -7.71 -14.78
C GLU A 340 -6.64 -7.23 -13.63
N ALA A 341 -7.25 -6.52 -12.67
CA ALA A 341 -6.49 -6.02 -11.53
C ALA A 341 -5.72 -7.17 -10.87
N GLY A 342 -4.50 -6.96 -10.43
CA GLY A 342 -3.73 -7.98 -9.75
C GLY A 342 -2.96 -8.93 -10.67
N GLN A 343 -3.28 -8.95 -11.96
CA GLN A 343 -2.60 -9.82 -12.92
C GLN A 343 -1.35 -9.15 -13.47
N TRP A 344 -0.39 -9.98 -13.86
CA TRP A 344 0.85 -9.43 -14.39
C TRP A 344 0.56 -8.60 -15.63
N PHE A 345 1.19 -7.43 -15.68
CA PHE A 345 1.04 -6.51 -16.81
C PHE A 345 2.45 -6.24 -17.32
N ASN A 346 2.91 -7.15 -18.20
CA ASN A 346 4.29 -7.10 -18.63
C ASN A 346 4.71 -5.79 -19.28
N GLU A 347 3.83 -5.22 -20.10
CA GLU A 347 4.10 -3.93 -20.75
C GLU A 347 4.37 -2.86 -19.71
N TYR A 348 3.61 -2.89 -18.61
CA TYR A 348 3.80 -1.94 -17.51
C TYR A 348 5.08 -2.18 -16.74
N PHE A 349 5.42 -3.46 -16.53
CA PHE A 349 6.65 -3.83 -15.85
C PHE A 349 7.83 -3.25 -16.62
N ILE A 350 7.83 -3.43 -17.95
CA ILE A 350 8.92 -2.90 -18.78
C ILE A 350 9.04 -1.39 -18.69
N GLN A 351 7.91 -0.70 -18.67
CA GLN A 351 7.91 0.76 -18.53
C GLN A 351 8.59 1.17 -17.23
N LEU A 352 8.15 0.57 -16.12
CA LEU A 352 8.74 0.83 -14.82
C LEU A 352 10.25 0.58 -14.80
N LEU A 353 10.66 -0.52 -15.41
CA LEU A 353 12.07 -0.89 -15.50
C LEU A 353 12.88 0.11 -16.31
N ARG A 354 12.35 0.54 -17.46
CA ARG A 354 13.05 1.54 -18.26
C ARG A 354 13.15 2.87 -17.54
N ASN A 355 12.10 3.26 -16.81
CA ASN A 355 12.11 4.54 -16.10
C ASN A 355 12.63 4.45 -14.67
N ALA A 356 13.26 3.37 -14.26
CA ALA A 356 13.72 3.23 -12.89
C ALA A 356 14.63 4.35 -12.44
N ASN A 357 14.45 4.82 -11.21
CA ASN A 357 15.35 5.82 -10.63
C ASN A 357 15.40 5.68 -9.12
N PRO A 358 16.56 5.39 -8.56
CA PRO A 358 17.78 5.14 -9.29
C PRO A 358 17.71 3.89 -10.14
N PRO A 359 18.57 3.84 -11.15
CA PRO A 359 18.58 2.75 -12.11
C PRO A 359 18.97 1.44 -11.46
N PHE A 360 18.59 0.33 -12.06
CA PHE A 360 19.00 -0.99 -11.64
C PHE A 360 20.15 -1.43 -12.56
C1 MAN B . 15.67 -5.89 -27.96
C2 MAN B . 15.28 -4.41 -27.62
C3 MAN B . 13.88 -4.13 -28.11
C4 MAN B . 13.65 -4.42 -29.57
C5 MAN B . 14.31 -5.74 -30.02
C6 MAN B . 14.56 -5.77 -31.52
O2 MAN B . 16.23 -3.54 -28.22
O3 MAN B . 13.56 -2.75 -27.86
O4 MAN B . 12.26 -4.47 -29.84
O5 MAN B . 15.52 -6.05 -29.35
O6 MAN B . 15.57 -4.84 -31.86
C1 MAN C . 18.79 -11.71 -14.83
C2 MAN C . 18.31 -12.50 -16.09
C3 MAN C . 17.79 -13.88 -15.67
C4 MAN C . 18.78 -14.67 -14.85
C5 MAN C . 19.34 -13.79 -13.71
C6 MAN C . 20.49 -14.36 -12.92
O2 MAN C . 19.38 -12.68 -17.01
O3 MAN C . 17.38 -14.58 -16.85
O4 MAN C . 18.15 -15.78 -14.25
O5 MAN C . 19.74 -12.51 -14.19
O6 MAN C . 20.62 -13.55 -11.77
C1 NAG D . -13.22 -16.83 4.70
C2 NAG D . -14.62 -17.44 4.61
C3 NAG D . -14.82 -18.48 5.69
C4 NAG D . -13.68 -19.53 5.67
C5 NAG D . -12.35 -18.76 5.78
C6 NAG D . -11.10 -19.63 5.82
C7 NAG D . -16.70 -16.24 3.91
C8 NAG D . -17.63 -15.15 4.26
N2 NAG D . -15.65 -16.40 4.79
O3 NAG D . -16.05 -19.18 5.47
O4 NAG D . -13.87 -20.37 6.84
O5 NAG D . -12.27 -17.94 4.64
O6 NAG D . -9.92 -18.87 5.89
O7 NAG D . -16.81 -16.90 2.98
MG MG E . 13.71 19.96 6.44
C1 GOL F . -3.70 -3.69 -6.10
O1 GOL F . -4.52 -2.94 -7.03
C2 GOL F . -4.33 -5.02 -5.75
O2 GOL F . -3.28 -5.90 -5.28
C3 GOL F . -5.39 -4.81 -4.65
O3 GOL F . -6.41 -5.81 -4.72
#